data_6RBO
#
_entry.id   6RBO
#
_cell.length_a   62.738
_cell.length_b   75.669
_cell.length_c   118.724
_cell.angle_alpha   90.000
_cell.angle_beta   90.000
_cell.angle_gamma   90.000
#
_symmetry.space_group_name_H-M   'I 2 2 2'
#
loop_
_entity.id
_entity.type
_entity.pdbx_description
1 polymer 'NAD kinase 1'
2 non-polymer 'CITRIC ACID'
3 non-polymer 9-hex-5-ynylpurin-6-amine
4 water water
#
_entity_poly.entity_id   1
_entity_poly.type   'polypeptide(L)'
_entity_poly.pdbx_seq_one_letter_code
;MKYMITSKGDEKSDLLRLNMIAGFGEYDMEYDDVEPEIVISIGGDGTFLSAFHQYEERLDEIAFIGIHTGHLGFYADWRP
AEADKLVKLLAKGEYQKVSYPLLKTTVKYGIGKKEATYLALNESTVKSSGGPFVVDVVINDIHFERFRGDGLCMSTPSGT
TAYNKSLGGALMHPSIEAMQLTEMASINNRVYRTIGSPLVFPKHHVVSLQPVNDKDFQISVDHLSILHRDVQEIRYEVSA
KKIHFARFRSFPFWRRVHDSFIEDLEHHHHHH
;
_entity_poly.pdbx_strand_id   A
#
loop_
_chem_comp.id
_chem_comp.type
_chem_comp.name
_chem_comp.formula
CIT non-polymer 'CITRIC ACID' 'C6 H8 O7'
JXQ non-polymer 9-hex-5-ynylpurin-6-amine 'C11 H13 N5'
#
# COMPACT_ATOMS: atom_id res chain seq x y z
N MET A 1 -17.27 -18.78 -4.00
CA MET A 1 -16.62 -19.34 -2.83
C MET A 1 -17.04 -18.60 -1.57
N LYS A 2 -16.17 -18.58 -0.56
CA LYS A 2 -16.40 -17.76 0.61
C LYS A 2 -16.05 -16.31 0.30
N TYR A 3 -16.73 -15.39 0.96
CA TYR A 3 -16.52 -13.97 0.71
C TYR A 3 -16.87 -13.19 1.97
N MET A 4 -16.37 -11.95 2.04
CA MET A 4 -16.82 -10.99 3.04
C MET A 4 -16.80 -9.60 2.42
N ILE A 5 -17.53 -8.68 3.03
CA ILE A 5 -17.59 -7.30 2.57
C ILE A 5 -17.28 -6.37 3.74
N THR A 6 -16.35 -5.45 3.54
CA THR A 6 -16.10 -4.37 4.48
C THR A 6 -16.70 -3.07 3.95
N SER A 7 -17.20 -2.25 4.86
CA SER A 7 -17.86 -1.01 4.52
C SER A 7 -17.15 0.17 5.18
N LYS A 8 -17.16 1.30 4.49
CA LYS A 8 -16.71 2.56 5.08
C LYS A 8 -17.53 2.92 6.31
N GLY A 9 -18.77 2.45 6.40
CA GLY A 9 -19.59 2.64 7.59
C GLY A 9 -20.61 3.76 7.48
N ASP A 10 -20.51 4.63 6.48
CA ASP A 10 -21.57 5.59 6.25
C ASP A 10 -22.80 4.88 5.68
N GLU A 11 -23.91 5.60 5.65
CA GLU A 11 -25.18 4.99 5.26
C GLU A 11 -25.11 4.41 3.85
N LYS A 12 -24.48 5.11 2.91
CA LYS A 12 -24.45 4.65 1.53
C LYS A 12 -23.73 3.31 1.41
N SER A 13 -22.59 3.17 2.08
CA SER A 13 -21.77 1.97 1.93
C SER A 13 -22.38 0.77 2.64
N ASP A 14 -23.00 0.98 3.81
CA ASP A 14 -23.63 -0.12 4.53
C ASP A 14 -24.82 -0.68 3.75
N LEU A 15 -25.66 0.21 3.22
CA LEU A 15 -26.81 -0.23 2.44
C LEU A 15 -26.37 -0.97 1.19
N LEU A 16 -25.34 -0.45 0.51
CA LEU A 16 -24.81 -1.15 -0.66
C LEU A 16 -24.27 -2.52 -0.27
N ARG A 17 -23.63 -2.62 0.90
CA ARG A 17 -23.14 -3.90 1.38
C ARG A 17 -24.29 -4.88 1.64
N LEU A 18 -25.36 -4.42 2.29
CA LEU A 18 -26.50 -5.32 2.55
C LEU A 18 -27.15 -5.78 1.24
N ASN A 19 -27.23 -4.89 0.25
CA ASN A 19 -27.85 -5.28 -1.02
C ASN A 19 -27.00 -6.33 -1.75
N MET A 20 -25.67 -6.20 -1.68
CA MET A 20 -24.81 -7.20 -2.32
C MET A 20 -24.87 -8.53 -1.59
N ILE A 21 -24.92 -8.50 -0.26
CA ILE A 21 -25.13 -9.73 0.51
C ILE A 21 -26.44 -10.40 0.11
N ALA A 22 -27.51 -9.60 -0.04
CA ALA A 22 -28.78 -10.16 -0.47
C ALA A 22 -28.69 -10.74 -1.87
N GLY A 23 -28.04 -10.03 -2.79
CA GLY A 23 -27.82 -10.56 -4.11
C GLY A 23 -26.96 -11.81 -4.12
N PHE A 24 -25.91 -11.82 -3.29
CA PHE A 24 -25.07 -13.00 -3.18
C PHE A 24 -25.85 -14.19 -2.63
N GLY A 25 -26.88 -13.93 -1.83
CA GLY A 25 -27.70 -15.01 -1.30
C GLY A 25 -28.41 -15.84 -2.35
N GLU A 26 -28.42 -15.39 -3.60
CA GLU A 26 -29.05 -16.15 -4.68
C GLU A 26 -28.06 -17.05 -5.42
N TYR A 27 -26.85 -17.24 -4.87
CA TYR A 27 -25.81 -18.01 -5.54
C TYR A 27 -25.11 -18.92 -4.53
N ASP A 28 -24.21 -19.76 -5.05
CA ASP A 28 -23.38 -20.66 -4.24
C ASP A 28 -22.23 -19.87 -3.64
N MET A 29 -22.57 -19.02 -2.67
CA MET A 29 -21.61 -18.18 -1.98
C MET A 29 -21.92 -18.21 -0.49
N GLU A 30 -20.87 -18.24 0.33
CA GLU A 30 -21.01 -18.25 1.77
C GLU A 30 -20.30 -17.03 2.33
N TYR A 31 -20.98 -16.30 3.21
CA TYR A 31 -20.35 -15.17 3.90
C TYR A 31 -19.45 -15.72 5.00
N ASP A 32 -18.15 -15.45 4.89
CA ASP A 32 -17.20 -15.90 5.91
C ASP A 32 -16.10 -14.85 5.98
N ASP A 33 -16.02 -14.15 7.10
CA ASP A 33 -15.01 -13.12 7.29
C ASP A 33 -13.80 -13.64 8.07
N VAL A 34 -13.69 -14.94 8.29
CA VAL A 34 -12.51 -15.54 8.89
C VAL A 34 -11.57 -16.09 7.83
N GLU A 35 -12.07 -16.93 6.93
CA GLU A 35 -11.28 -17.46 5.82
C GLU A 35 -11.98 -17.20 4.48
N PRO A 36 -12.15 -15.92 4.12
CA PRO A 36 -12.76 -15.62 2.82
C PRO A 36 -11.77 -15.87 1.68
N GLU A 37 -12.33 -16.11 0.50
CA GLU A 37 -11.54 -16.16 -0.72
C GLU A 37 -11.69 -14.91 -1.57
N ILE A 38 -12.70 -14.09 -1.29
CA ILE A 38 -12.94 -12.82 -1.95
C ILE A 38 -13.23 -11.79 -0.89
N VAL A 39 -12.55 -10.65 -0.95
CA VAL A 39 -12.77 -9.56 -0.02
C VAL A 39 -13.20 -8.34 -0.81
N ILE A 40 -14.44 -7.89 -0.58
CA ILE A 40 -14.97 -6.72 -1.25
C ILE A 40 -14.90 -5.54 -0.28
N SER A 41 -14.36 -4.42 -0.77
CA SER A 41 -14.21 -3.21 0.02
C SER A 41 -15.09 -2.12 -0.57
N ILE A 42 -15.97 -1.56 0.26
CA ILE A 42 -16.91 -0.54 -0.19
C ILE A 42 -16.59 0.75 0.56
N GLY A 43 -16.07 1.72 -0.17
CA GLY A 43 -15.71 3.00 0.42
C GLY A 43 -14.71 3.75 -0.44
N GLY A 44 -13.53 4.02 0.12
CA GLY A 44 -12.45 4.63 -0.62
C GLY A 44 -11.19 3.80 -0.51
N ASP A 45 -10.03 4.40 -0.84
CA ASP A 45 -8.78 3.65 -0.74
C ASP A 45 -8.39 3.40 0.72
N GLY A 46 -8.81 4.28 1.63
CA GLY A 46 -8.57 4.01 3.04
C GLY A 46 -9.29 2.77 3.53
N THR A 47 -10.56 2.62 3.13
CA THR A 47 -11.30 1.41 3.45
C THR A 47 -10.62 0.19 2.84
N PHE A 48 -10.14 0.31 1.61
CA PHE A 48 -9.47 -0.82 0.97
C PHE A 48 -8.18 -1.17 1.69
N LEU A 49 -7.43 -0.15 2.12
CA LEU A 49 -6.19 -0.41 2.84
C LEU A 49 -6.44 -1.15 4.15
N SER A 50 -7.52 -0.82 4.86
CA SER A 50 -7.85 -1.54 6.08
C SER A 50 -8.24 -2.99 5.79
N ALA A 51 -8.95 -3.22 4.67
CA ALA A 51 -9.26 -4.58 4.27
C ALA A 51 -7.99 -5.38 3.98
N PHE A 52 -7.06 -4.78 3.24
CA PHE A 52 -5.79 -5.44 2.96
C PHE A 52 -5.08 -5.84 4.26
N HIS A 53 -4.94 -4.89 5.19
CA HIS A 53 -4.23 -5.18 6.42
C HIS A 53 -5.01 -6.09 7.36
N GLN A 54 -6.34 -6.13 7.22
CA GLN A 54 -7.11 -7.08 8.02
C GLN A 54 -6.74 -8.52 7.68
N TYR A 55 -6.42 -8.79 6.41
CA TYR A 55 -6.18 -10.15 5.94
C TYR A 55 -4.78 -10.33 5.38
N GLU A 56 -3.82 -9.53 5.83
CA GLU A 56 -2.49 -9.64 5.21
C GLU A 56 -1.78 -10.94 5.54
N GLU A 57 -2.40 -11.86 6.26
CA GLU A 57 -1.82 -13.17 6.50
C GLU A 57 -2.39 -14.26 5.60
N ARG A 58 -3.44 -13.96 4.83
CA ARG A 58 -4.01 -14.88 3.86
C ARG A 58 -3.99 -14.27 2.46
N LEU A 59 -2.91 -13.53 2.15
CA LEU A 59 -2.81 -12.84 0.87
C LEU A 59 -2.76 -13.81 -0.30
N ASP A 60 -2.19 -15.00 -0.10
CA ASP A 60 -2.10 -15.96 -1.19
C ASP A 60 -3.45 -16.57 -1.55
N GLU A 61 -4.45 -16.47 -0.68
CA GLU A 61 -5.73 -17.15 -0.88
C GLU A 61 -6.89 -16.20 -1.09
N ILE A 62 -6.63 -14.92 -1.34
CA ILE A 62 -7.67 -13.90 -1.43
C ILE A 62 -7.47 -13.08 -2.69
N ALA A 63 -8.56 -12.79 -3.40
CA ALA A 63 -8.58 -11.78 -4.44
C ALA A 63 -9.42 -10.62 -3.97
N PHE A 64 -8.84 -9.42 -4.00
CA PHE A 64 -9.51 -8.22 -3.50
C PHE A 64 -10.28 -7.52 -4.62
N ILE A 65 -11.38 -6.86 -4.24
CA ILE A 65 -12.19 -6.03 -5.13
C ILE A 65 -12.63 -4.78 -4.38
N GLY A 66 -12.44 -3.62 -4.99
CA GLY A 66 -12.87 -2.37 -4.37
C GLY A 66 -13.97 -1.63 -5.12
N ILE A 67 -14.99 -1.18 -4.37
CA ILE A 67 -16.07 -0.35 -4.90
C ILE A 67 -15.95 1.03 -4.27
N HIS A 68 -15.92 2.07 -5.10
CA HIS A 68 -15.76 3.43 -4.58
C HIS A 68 -17.11 4.11 -4.48
N THR A 69 -17.51 4.47 -3.26
CA THR A 69 -18.75 5.19 -3.05
C THR A 69 -18.57 6.70 -3.08
N GLY A 70 -17.36 7.18 -2.80
CA GLY A 70 -17.01 8.57 -3.01
C GLY A 70 -16.26 8.77 -4.31
N HIS A 71 -15.12 9.44 -4.26
CA HIS A 71 -14.33 9.66 -5.47
C HIS A 71 -13.70 8.36 -5.94
N LEU A 72 -13.27 8.37 -7.19
CA LEU A 72 -12.56 7.22 -7.74
C LEU A 72 -11.27 6.96 -6.96
N GLY A 73 -11.05 5.71 -6.59
CA GLY A 73 -9.81 5.31 -5.96
C GLY A 73 -8.96 4.48 -6.89
N PHE A 74 -7.67 4.39 -6.60
CA PHE A 74 -6.80 3.53 -7.40
C PHE A 74 -6.99 2.06 -7.08
N TYR A 75 -7.49 1.74 -5.90
CA TYR A 75 -7.80 0.35 -5.56
C TYR A 75 -9.28 0.07 -5.67
N ALA A 76 -10.13 1.03 -5.29
CA ALA A 76 -11.57 0.88 -5.40
C ALA A 76 -11.95 1.40 -6.78
N ASP A 77 -11.94 0.49 -7.76
CA ASP A 77 -12.23 0.86 -9.14
C ASP A 77 -13.47 0.17 -9.68
N TRP A 78 -14.57 0.22 -8.92
CA TRP A 78 -15.91 -0.11 -9.39
C TRP A 78 -16.86 0.96 -8.91
N ARG A 79 -17.81 1.34 -9.76
CA ARG A 79 -18.86 2.25 -9.36
C ARG A 79 -19.97 1.49 -8.62
N PRO A 80 -20.67 2.17 -7.70
CA PRO A 80 -21.77 1.49 -6.98
C PRO A 80 -22.88 1.01 -7.89
N ALA A 81 -23.14 1.69 -9.00
CA ALA A 81 -24.20 1.27 -9.92
C ALA A 81 -23.94 -0.08 -10.56
N GLU A 82 -22.68 -0.50 -10.64
CA GLU A 82 -22.31 -1.79 -11.23
C GLU A 82 -22.29 -2.91 -10.20
N ALA A 83 -22.77 -2.68 -8.98
CA ALA A 83 -22.67 -3.69 -7.94
C ALA A 83 -23.42 -4.96 -8.32
N ASP A 84 -24.60 -4.81 -8.90
CA ASP A 84 -25.38 -5.98 -9.31
C ASP A 84 -24.63 -6.80 -10.37
N LYS A 85 -24.03 -6.12 -11.35
CA LYS A 85 -23.23 -6.83 -12.33
C LYS A 85 -22.00 -7.47 -11.70
N LEU A 86 -21.45 -6.82 -10.66
CA LEU A 86 -20.31 -7.37 -9.96
C LEU A 86 -20.68 -8.63 -9.18
N VAL A 87 -21.84 -8.62 -8.52
CA VAL A 87 -22.30 -9.81 -7.82
C VAL A 87 -22.44 -10.97 -8.80
N LYS A 88 -23.05 -10.71 -9.95
CA LYS A 88 -23.31 -11.77 -10.93
C LYS A 88 -22.01 -12.36 -11.47
N LEU A 89 -21.09 -11.51 -11.92
CA LEU A 89 -19.85 -12.04 -12.49
C LEU A 89 -18.98 -12.70 -11.42
N LEU A 90 -19.00 -12.19 -10.20
CA LEU A 90 -18.23 -12.80 -9.13
C LEU A 90 -18.78 -14.18 -8.77
N ALA A 91 -20.10 -14.32 -8.76
CA ALA A 91 -20.72 -15.57 -8.32
C ALA A 91 -20.34 -16.73 -9.24
N LYS A 92 -20.44 -16.52 -10.55
CA LYS A 92 -19.95 -17.53 -11.50
C LYS A 92 -18.47 -17.81 -11.25
N GLY A 93 -17.68 -16.75 -11.07
CA GLY A 93 -16.25 -16.90 -10.96
C GLY A 93 -15.58 -16.84 -12.32
N GLU A 94 -14.52 -17.63 -12.51
CA GLU A 94 -13.76 -17.67 -13.76
C GLU A 94 -13.26 -16.30 -14.19
N TYR A 95 -13.24 -15.34 -13.26
CA TYR A 95 -12.49 -14.12 -13.45
C TYR A 95 -10.99 -14.44 -13.50
N GLN A 96 -10.20 -13.46 -13.89
CA GLN A 96 -8.76 -13.60 -13.82
C GLN A 96 -8.20 -12.61 -12.82
N LYS A 97 -7.05 -12.96 -12.26
CA LYS A 97 -6.45 -12.24 -11.15
C LYS A 97 -5.23 -11.46 -11.61
N VAL A 98 -5.00 -10.31 -10.96
CA VAL A 98 -3.86 -9.46 -11.22
C VAL A 98 -3.16 -9.23 -9.90
N SER A 99 -1.82 -9.27 -9.92
CA SER A 99 -1.02 -9.15 -8.71
C SER A 99 -0.16 -7.90 -8.76
N TYR A 100 -0.12 -7.15 -7.65
CA TYR A 100 0.75 -6.00 -7.47
C TYR A 100 1.84 -6.30 -6.44
N PRO A 101 3.03 -5.74 -6.58
CA PRO A 101 4.09 -5.98 -5.59
C PRO A 101 3.82 -5.23 -4.30
N LEU A 102 4.48 -5.70 -3.24
CA LEU A 102 4.33 -5.13 -1.90
C LEU A 102 5.71 -4.84 -1.32
N LEU A 103 5.74 -4.00 -0.29
CA LEU A 103 6.98 -3.58 0.34
C LEU A 103 7.09 -4.21 1.73
N LYS A 104 8.25 -4.79 2.02
CA LYS A 104 8.52 -5.36 3.34
C LYS A 104 9.41 -4.40 4.12
N THR A 105 8.99 -4.09 5.34
CA THR A 105 9.75 -3.25 6.26
C THR A 105 10.12 -4.08 7.48
N THR A 106 11.41 -4.10 7.81
CA THR A 106 11.89 -4.78 9.00
C THR A 106 12.49 -3.75 9.94
N VAL A 107 12.02 -3.75 11.19
CA VAL A 107 12.52 -2.84 12.22
C VAL A 107 13.21 -3.69 13.28
N LYS A 108 14.51 -3.47 13.46
CA LYS A 108 15.27 -4.20 14.46
C LYS A 108 15.59 -3.29 15.65
N TYR A 109 15.64 -3.91 16.83
CA TYR A 109 15.89 -3.26 18.10
C TYR A 109 17.08 -3.92 18.80
N GLY A 110 17.29 -3.56 20.07
CA GLY A 110 18.31 -4.19 20.89
C GLY A 110 17.72 -4.85 22.13
N LYS A 114 13.59 -6.96 20.03
CA LYS A 114 13.69 -8.01 19.03
C LYS A 114 13.67 -7.47 17.60
N GLU A 115 12.61 -7.79 16.86
CA GLU A 115 12.51 -7.43 15.46
C GLU A 115 11.06 -7.53 15.02
N ALA A 116 10.58 -6.53 14.28
CA ALA A 116 9.21 -6.49 13.77
C ALA A 116 9.22 -6.28 12.27
N THR A 117 8.34 -7.00 11.57
CA THR A 117 8.18 -6.86 10.12
C THR A 117 6.77 -6.37 9.81
N TYR A 118 6.66 -5.56 8.75
CA TYR A 118 5.39 -5.02 8.30
C TYR A 118 5.31 -5.12 6.79
N LEU A 119 4.08 -5.23 6.29
CA LEU A 119 3.82 -5.23 4.85
C LEU A 119 3.06 -3.98 4.48
N ALA A 120 3.48 -3.30 3.41
CA ALA A 120 2.82 -2.09 2.94
C ALA A 120 2.30 -2.28 1.53
N LEU A 121 1.08 -1.79 1.28
CA LEU A 121 0.50 -1.70 -0.05
C LEU A 121 0.81 -0.38 -0.72
N ASN A 122 0.84 0.72 0.05
CA ASN A 122 1.20 2.02 -0.50
C ASN A 122 2.66 2.36 -0.20
N GLU A 123 3.01 2.57 1.07
CA GLU A 123 4.35 3.04 1.38
C GLU A 123 4.63 2.90 2.87
N SER A 124 5.91 3.05 3.22
CA SER A 124 6.38 3.12 4.59
C SER A 124 7.27 4.35 4.72
N THR A 125 7.03 5.18 5.73
CA THR A 125 7.80 6.39 5.91
C THR A 125 8.48 6.39 7.28
N VAL A 126 9.59 7.11 7.37
CA VAL A 126 10.35 7.25 8.61
C VAL A 126 10.58 8.72 8.87
N LYS A 127 10.25 9.18 10.07
CA LYS A 127 10.54 10.53 10.54
C LYS A 127 11.11 10.42 11.95
N SER A 128 11.65 11.53 12.45
CA SER A 128 12.15 11.53 13.82
C SER A 128 11.00 11.72 14.81
N SER A 129 11.29 11.49 16.08
CA SER A 129 10.33 11.63 17.17
C SER A 129 10.34 13.03 17.78
N GLY A 130 10.57 14.07 16.98
CA GLY A 130 10.61 15.42 17.48
C GLY A 130 11.84 16.20 17.09
N GLY A 131 13.01 15.67 17.44
CA GLY A 131 14.26 16.31 17.12
C GLY A 131 14.64 16.15 15.66
N PRO A 132 15.91 16.37 15.35
CA PRO A 132 16.34 16.26 13.95
C PRO A 132 16.42 14.81 13.50
N PHE A 133 16.09 14.61 12.22
CA PHE A 133 16.14 13.31 11.58
C PHE A 133 17.45 13.21 10.82
N VAL A 134 18.35 12.32 11.27
CA VAL A 134 19.58 12.01 10.58
C VAL A 134 19.70 10.49 10.55
N VAL A 135 19.82 9.92 9.35
CA VAL A 135 20.11 8.50 9.21
C VAL A 135 21.16 8.31 8.12
N ASP A 136 21.94 7.24 8.27
CA ASP A 136 22.83 6.75 7.22
C ASP A 136 22.04 5.79 6.33
N VAL A 137 22.12 6.00 5.02
CA VAL A 137 21.39 5.19 4.06
C VAL A 137 22.34 4.18 3.46
N VAL A 138 22.05 2.89 3.66
CA VAL A 138 22.94 1.80 3.26
C VAL A 138 22.21 0.95 2.23
N ILE A 139 22.82 0.79 1.06
CA ILE A 139 22.22 0.08 -0.06
C ILE A 139 23.06 -1.16 -0.33
N ASN A 140 22.50 -2.34 -0.09
CA ASN A 140 23.20 -3.60 -0.27
C ASN A 140 24.57 -3.58 0.42
N ASP A 141 24.57 -3.12 1.67
CA ASP A 141 25.73 -3.04 2.56
C ASP A 141 26.72 -1.95 2.17
N ILE A 142 26.41 -1.12 1.16
CA ILE A 142 27.28 -0.03 0.73
C ILE A 142 26.71 1.27 1.30
N HIS A 143 27.56 2.04 1.98
CA HIS A 143 27.11 3.28 2.59
C HIS A 143 26.91 4.32 1.50
N PHE A 144 25.66 4.73 1.28
CA PHE A 144 25.29 5.57 0.14
C PHE A 144 25.25 7.06 0.48
N GLU A 145 24.64 7.43 1.61
CA GLU A 145 24.54 8.84 1.96
C GLU A 145 24.19 8.97 3.43
N ARG A 146 24.41 10.16 3.97
CA ARG A 146 23.89 10.55 5.29
C ARG A 146 22.77 11.54 5.04
N PHE A 147 21.55 11.13 5.36
CA PHE A 147 20.37 11.94 5.04
C PHE A 147 19.99 12.81 6.24
N ARG A 148 19.89 14.10 6.00
CA ARG A 148 19.41 15.06 6.98
C ARG A 148 18.19 15.77 6.38
N GLY A 149 17.07 15.74 7.10
CA GLY A 149 15.85 16.32 6.56
C GLY A 149 14.66 15.97 7.44
N ASP A 150 13.47 16.01 6.82
CA ASP A 150 12.25 15.66 7.55
C ASP A 150 12.05 14.16 7.65
N GLY A 151 12.40 13.41 6.60
CA GLY A 151 12.18 11.99 6.62
C GLY A 151 12.33 11.39 5.23
N LEU A 152 12.00 10.10 5.14
CA LEU A 152 12.14 9.33 3.91
C LEU A 152 10.88 8.50 3.70
N CYS A 153 10.58 8.20 2.44
CA CYS A 153 9.39 7.45 2.07
C CYS A 153 9.77 6.37 1.08
N MET A 154 9.41 5.13 1.37
CA MET A 154 9.63 4.02 0.46
C MET A 154 8.28 3.51 -0.02
N SER A 155 8.06 3.52 -1.34
CA SER A 155 6.76 3.30 -1.94
C SER A 155 6.78 2.05 -2.81
N THR A 156 5.66 1.35 -2.83
CA THR A 156 5.40 0.31 -3.81
C THR A 156 5.09 0.95 -5.15
N PRO A 157 5.05 0.17 -6.24
CA PRO A 157 4.59 0.74 -7.51
C PRO A 157 3.19 1.32 -7.43
N SER A 158 2.22 0.57 -6.90
CA SER A 158 0.88 1.14 -6.81
C SER A 158 0.81 2.27 -5.80
N GLY A 159 1.72 2.31 -4.84
CA GLY A 159 1.79 3.44 -3.94
C GLY A 159 2.39 4.69 -4.56
N THR A 160 3.00 4.60 -5.75
CA THR A 160 3.65 5.77 -6.31
C THR A 160 2.68 6.91 -6.60
N THR A 161 1.39 6.61 -6.74
CA THR A 161 0.39 7.64 -6.96
C THR A 161 -0.09 8.29 -5.66
N ALA A 162 0.45 7.89 -4.51
CA ALA A 162 -0.03 8.37 -3.22
C ALA A 162 0.99 9.35 -2.63
N TYR A 163 1.48 9.16 -1.41
CA TYR A 163 2.41 10.09 -0.79
C TYR A 163 3.65 10.29 -1.68
N ASN A 164 4.16 9.21 -2.27
CA ASN A 164 5.29 9.27 -3.18
C ASN A 164 5.13 10.38 -4.22
N LYS A 165 3.93 10.50 -4.80
CA LYS A 165 3.71 11.49 -5.84
C LYS A 165 3.83 12.90 -5.28
N SER A 166 3.33 13.12 -4.06
CA SER A 166 3.39 14.43 -3.42
C SER A 166 4.83 14.84 -3.11
N LEU A 167 5.73 13.88 -2.97
CA LEU A 167 7.14 14.16 -2.68
C LEU A 167 7.99 14.28 -3.93
N GLY A 168 7.38 14.27 -5.11
CA GLY A 168 8.12 14.38 -6.34
C GLY A 168 8.55 13.08 -6.96
N GLY A 169 8.06 11.95 -6.45
CA GLY A 169 8.46 10.67 -6.99
C GLY A 169 7.83 10.38 -8.33
N ALA A 170 8.43 9.43 -9.04
CA ALA A 170 7.89 8.98 -10.32
C ALA A 170 6.70 8.07 -10.10
N LEU A 171 5.81 8.03 -11.10
CA LEU A 171 4.74 7.04 -11.13
C LEU A 171 5.22 5.82 -11.88
N MET A 172 5.13 4.65 -11.25
CA MET A 172 5.63 3.41 -11.84
C MET A 172 4.46 2.47 -12.12
N HIS A 173 4.47 1.86 -13.31
CA HIS A 173 3.47 0.86 -13.60
C HIS A 173 3.64 -0.33 -12.66
N PRO A 174 2.54 -0.82 -12.07
CA PRO A 174 2.65 -1.83 -11.01
C PRO A 174 3.11 -3.20 -11.49
N SER A 175 3.31 -3.42 -12.78
CA SER A 175 3.92 -4.67 -13.23
C SER A 175 5.41 -4.72 -12.97
N ILE A 176 6.01 -3.60 -12.57
CA ILE A 176 7.44 -3.51 -12.30
C ILE A 176 7.66 -3.86 -10.83
N GLU A 177 8.41 -4.92 -10.58
CA GLU A 177 8.67 -5.35 -9.20
C GLU A 177 9.79 -4.47 -8.65
N ALA A 178 9.41 -3.40 -7.97
CA ALA A 178 10.39 -2.42 -7.48
C ALA A 178 9.82 -1.68 -6.28
N MET A 179 10.69 -0.91 -5.63
CA MET A 179 10.30 0.05 -4.61
C MET A 179 11.00 1.36 -4.90
N GLN A 180 10.42 2.46 -4.43
CA GLN A 180 10.94 3.80 -4.75
C GLN A 180 11.11 4.62 -3.49
N LEU A 181 12.32 5.15 -3.29
CA LEU A 181 12.67 5.92 -2.11
C LEU A 181 12.70 7.41 -2.45
N THR A 182 11.91 8.20 -1.72
CA THR A 182 11.87 9.65 -1.93
C THR A 182 12.22 10.38 -0.65
N GLU A 183 12.77 11.59 -0.80
CA GLU A 183 13.19 12.41 0.33
C GLU A 183 12.08 13.38 0.73
N MET A 184 12.02 13.67 2.03
CA MET A 184 11.17 14.73 2.57
C MET A 184 12.09 15.85 3.05
N ALA A 185 12.03 17.00 2.37
CA ALA A 185 12.75 18.22 2.74
C ALA A 185 14.20 17.94 3.19
N SER A 186 15.02 17.49 2.26
CA SER A 186 16.42 17.22 2.60
C SER A 186 17.21 18.52 2.70
N ILE A 187 18.16 18.54 3.63
CA ILE A 187 19.08 19.66 3.79
C ILE A 187 20.29 19.41 2.90
N ASN A 188 20.58 20.36 2.02
CA ASN A 188 21.73 20.26 1.13
C ASN A 188 22.50 21.57 1.17
N ASN A 189 23.74 21.50 1.61
CA ASN A 189 24.65 22.63 1.55
C ASN A 189 26.03 22.07 1.21
N ARG A 190 27.08 22.85 1.43
CA ARG A 190 28.39 22.36 1.03
C ARG A 190 28.96 21.32 1.99
N VAL A 191 28.32 21.10 3.15
CA VAL A 191 28.77 20.07 4.07
C VAL A 191 27.81 18.89 4.14
N TYR A 192 26.52 19.08 3.87
CA TYR A 192 25.54 18.00 3.89
C TYR A 192 25.03 17.76 2.48
N ARG A 193 25.07 16.50 2.03
CA ARG A 193 24.80 16.16 0.64
C ARG A 193 23.93 14.91 0.58
N THR A 194 22.76 15.02 -0.04
CA THR A 194 21.93 13.89 -0.38
C THR A 194 21.81 13.81 -1.90
N ILE A 195 21.30 12.68 -2.39
CA ILE A 195 21.19 12.50 -3.84
C ILE A 195 20.09 13.38 -4.41
N GLY A 196 19.07 13.71 -3.62
CA GLY A 196 17.99 14.54 -4.10
C GLY A 196 16.94 13.77 -4.87
N SER A 197 17.37 13.13 -5.94
CA SER A 197 16.47 12.43 -6.84
C SER A 197 15.81 11.24 -6.13
N PRO A 198 14.58 10.88 -6.54
CA PRO A 198 14.03 9.59 -6.15
C PRO A 198 14.92 8.46 -6.65
N LEU A 199 14.93 7.36 -5.91
CA LEU A 199 15.70 6.17 -6.26
C LEU A 199 14.76 4.98 -6.41
N VAL A 200 14.88 4.27 -7.52
CA VAL A 200 14.03 3.11 -7.79
C VAL A 200 14.91 1.86 -7.71
N PHE A 201 14.53 0.95 -6.81
CA PHE A 201 15.28 -0.25 -6.48
C PHE A 201 14.56 -1.49 -7.00
N PRO A 202 15.29 -2.44 -7.56
CA PRO A 202 14.66 -3.66 -8.06
C PRO A 202 14.47 -4.66 -6.91
N LYS A 203 13.84 -5.77 -7.26
CA LYS A 203 13.71 -6.88 -6.32
C LYS A 203 15.09 -7.32 -5.85
N HIS A 204 15.18 -7.73 -4.59
CA HIS A 204 16.34 -8.28 -3.90
C HIS A 204 17.38 -7.23 -3.49
N HIS A 205 17.17 -5.95 -3.79
CA HIS A 205 18.02 -4.91 -3.21
C HIS A 205 17.48 -4.54 -1.83
N VAL A 206 18.39 -4.37 -0.89
CA VAL A 206 18.05 -4.07 0.50
C VAL A 206 18.52 -2.67 0.83
N VAL A 207 17.59 -1.82 1.25
CA VAL A 207 17.90 -0.46 1.68
C VAL A 207 17.75 -0.42 3.19
N SER A 208 18.83 -0.02 3.87
CA SER A 208 18.90 -0.04 5.32
C SER A 208 19.08 1.39 5.83
N LEU A 209 18.28 1.77 6.82
CA LEU A 209 18.43 3.05 7.50
C LEU A 209 19.03 2.80 8.87
N GLN A 210 20.11 3.51 9.18
CA GLN A 210 20.85 3.28 10.41
C GLN A 210 20.99 4.60 11.16
N PRO A 211 20.64 4.62 12.46
CA PRO A 211 20.66 5.89 13.20
C PRO A 211 22.08 6.42 13.37
N VAL A 212 22.18 7.74 13.47
CA VAL A 212 23.45 8.41 13.73
C VAL A 212 23.54 8.88 15.18
N ASN A 213 22.49 9.56 15.66
CA ASN A 213 22.43 9.96 17.06
C ASN A 213 21.19 9.40 17.73
N ASP A 214 20.05 10.05 17.53
CA ASP A 214 18.80 9.58 18.11
C ASP A 214 18.43 8.22 17.52
N LYS A 215 17.83 7.37 18.36
CA LYS A 215 17.38 6.05 17.94
C LYS A 215 15.87 5.87 18.03
N ASP A 216 15.12 6.96 18.20
CA ASP A 216 13.65 6.90 18.23
C ASP A 216 13.10 7.50 16.93
N PHE A 217 12.17 6.78 16.30
CA PHE A 217 11.65 7.18 15.01
C PHE A 217 10.14 6.93 14.95
N GLN A 218 9.44 7.80 14.25
CA GLN A 218 8.02 7.60 13.94
C GLN A 218 7.94 6.91 12.59
N ILE A 219 7.53 5.65 12.58
CA ILE A 219 7.48 4.85 11.36
C ILE A 219 6.02 4.62 11.00
N SER A 220 5.66 4.97 9.77
CA SER A 220 4.32 4.71 9.26
C SER A 220 4.36 3.55 8.28
N VAL A 221 3.27 2.79 8.23
CA VAL A 221 3.07 1.76 7.24
C VAL A 221 1.66 1.95 6.73
N ASP A 222 1.51 2.46 5.51
CA ASP A 222 0.22 2.86 4.97
C ASP A 222 -0.42 3.84 5.95
N HIS A 223 -1.60 3.53 6.48
CA HIS A 223 -2.27 4.47 7.40
CA HIS A 223 -2.27 4.47 7.40
C HIS A 223 -1.78 4.36 8.84
N LEU A 224 -1.11 3.27 9.20
CA LEU A 224 -0.69 3.06 10.58
C LEU A 224 0.64 3.75 10.87
N SER A 225 0.71 4.48 11.98
CA SER A 225 1.92 5.19 12.36
C SER A 225 2.22 4.91 13.83
N ILE A 226 3.41 4.36 14.10
CA ILE A 226 3.81 3.93 15.43
C ILE A 226 5.14 4.59 15.78
N LEU A 227 5.29 5.00 17.03
CA LEU A 227 6.56 5.51 17.52
C LEU A 227 7.42 4.33 17.97
N HIS A 228 8.56 4.16 17.33
CA HIS A 228 9.49 3.08 17.66
C HIS A 228 10.66 3.63 18.46
N ARG A 229 11.06 2.88 19.49
CA ARG A 229 12.14 3.30 20.37
C ARG A 229 13.27 2.28 20.32
N ASP A 230 14.48 2.77 20.55
CA ASP A 230 15.70 1.95 20.56
C ASP A 230 15.84 1.17 19.25
N VAL A 231 15.72 1.87 18.14
CA VAL A 231 15.85 1.28 16.82
C VAL A 231 17.32 1.20 16.45
N GLN A 232 17.75 0.04 15.94
CA GLN A 232 19.11 -0.13 15.44
C GLN A 232 19.18 -0.10 13.92
N GLU A 233 18.09 -0.42 13.24
CA GLU A 233 18.09 -0.50 11.78
C GLU A 233 16.65 -0.57 11.29
N ILE A 234 16.40 0.05 10.13
CA ILE A 234 15.15 -0.08 9.39
C ILE A 234 15.48 -0.62 8.01
N ARG A 235 14.83 -1.72 7.62
CA ARG A 235 15.22 -2.48 6.43
C ARG A 235 14.06 -2.53 5.45
N TYR A 236 14.31 -2.10 4.21
CA TYR A 236 13.31 -2.09 3.15
C TYR A 236 13.72 -3.04 2.02
N GLU A 237 12.76 -3.80 1.51
CA GLU A 237 12.97 -4.64 0.34
C GLU A 237 11.63 -5.00 -0.27
N VAL A 238 11.63 -5.28 -1.58
CA VAL A 238 10.40 -5.74 -2.22
C VAL A 238 9.98 -7.06 -1.58
N SER A 239 8.72 -7.14 -1.17
CA SER A 239 8.24 -8.34 -0.51
C SER A 239 8.18 -9.51 -1.49
N ALA A 240 8.29 -10.71 -0.95
CA ALA A 240 7.99 -11.91 -1.74
C ALA A 240 6.49 -12.12 -1.89
N LYS A 241 5.68 -11.52 -1.03
CA LYS A 241 4.23 -11.66 -1.08
C LYS A 241 3.64 -10.59 -1.98
N LYS A 242 2.46 -10.89 -2.54
CA LYS A 242 1.79 -9.99 -3.46
C LYS A 242 0.30 -9.95 -3.15
N ILE A 243 -0.32 -8.81 -3.43
CA ILE A 243 -1.77 -8.67 -3.32
C ILE A 243 -2.40 -9.06 -4.65
N HIS A 244 -3.51 -9.78 -4.58
CA HIS A 244 -4.20 -10.28 -5.76
C HIS A 244 -5.55 -9.57 -5.92
N PHE A 245 -5.82 -9.10 -7.13
CA PHE A 245 -7.08 -8.45 -7.47
C PHE A 245 -7.89 -9.33 -8.40
N ALA A 246 -9.17 -9.50 -8.10
CA ALA A 246 -10.09 -10.05 -9.09
C ALA A 246 -10.40 -8.94 -10.09
N ARG A 247 -10.14 -9.20 -11.36
CA ARG A 247 -10.44 -8.23 -12.42
C ARG A 247 -11.51 -8.80 -13.32
N PHE A 248 -12.46 -7.95 -13.70
CA PHE A 248 -13.57 -8.38 -14.54
C PHE A 248 -13.65 -7.67 -15.87
N ARG A 249 -12.95 -6.56 -16.05
CA ARG A 249 -12.88 -5.88 -17.33
C ARG A 249 -11.55 -5.15 -17.41
N SER A 250 -11.35 -4.42 -18.51
CA SER A 250 -10.12 -3.68 -18.73
C SER A 250 -10.25 -2.30 -18.08
N PHE A 251 -9.37 -2.02 -17.12
CA PHE A 251 -9.21 -0.68 -16.56
C PHE A 251 -7.73 -0.46 -16.36
N PRO A 252 -7.01 -0.09 -17.43
CA PRO A 252 -5.55 0.00 -17.36
C PRO A 252 -5.07 1.00 -16.32
N PHE A 253 -3.93 0.68 -15.70
CA PHE A 253 -3.31 1.57 -14.72
C PHE A 253 -3.16 2.98 -15.26
N TRP A 254 -2.68 3.12 -16.49
CA TRP A 254 -2.45 4.47 -17.02
C TRP A 254 -3.76 5.20 -17.26
N ARG A 255 -4.82 4.47 -17.61
CA ARG A 255 -6.14 5.10 -17.67
C ARG A 255 -6.62 5.51 -16.29
N ARG A 256 -6.35 4.67 -15.28
CA ARG A 256 -6.68 5.01 -13.91
C ARG A 256 -5.94 6.25 -13.44
N VAL A 257 -4.66 6.38 -13.83
CA VAL A 257 -3.91 7.60 -13.54
C VAL A 257 -4.52 8.79 -14.25
N HIS A 258 -4.90 8.63 -15.52
CA HIS A 258 -5.52 9.72 -16.26
C HIS A 258 -6.80 10.18 -15.58
N ASP A 259 -7.67 9.22 -15.23
CA ASP A 259 -8.96 9.55 -14.62
C ASP A 259 -8.79 10.27 -13.29
N SER A 260 -7.72 9.98 -12.54
CA SER A 260 -7.56 10.53 -11.21
C SER A 260 -6.88 11.89 -11.19
N PHE A 261 -5.94 12.14 -12.11
CA PHE A 261 -5.15 13.36 -12.08
C PHE A 261 -5.34 14.30 -13.26
N ILE A 262 -5.82 13.82 -14.40
CA ILE A 262 -5.95 14.70 -15.55
C ILE A 262 -7.41 15.14 -15.71
N GLU A 263 -8.32 14.17 -15.80
CA GLU A 263 -9.75 14.47 -15.95
C GLU A 263 -10.59 13.20 -15.97
N ASP A 264 -11.83 13.29 -15.47
CA ASP A 264 -12.79 12.20 -15.59
C ASP A 264 -14.21 12.75 -15.45
C1 CIT B . -2.50 -2.55 -16.99
O1 CIT B . -2.31 -1.48 -16.38
O2 CIT B . -2.38 -2.56 -18.23
C2 CIT B . -2.88 -3.84 -16.27
C3 CIT B . -4.10 -3.68 -15.36
O7 CIT B . -5.17 -3.03 -16.08
C4 CIT B . -4.60 -5.05 -14.89
C5 CIT B . -5.60 -5.59 -15.88
O3 CIT B . -5.32 -6.61 -16.57
O4 CIT B . -6.72 -5.05 -16.03
C6 CIT B . -3.76 -2.85 -14.13
O5 CIT B . -2.97 -3.31 -13.27
O6 CIT B . -4.23 -1.71 -13.99
C5 JXQ C . -3.74 5.96 -2.84
C6 JXQ C . -2.97 5.51 -3.90
C2 JXQ C . -3.54 7.41 -5.12
C4 JXQ C . -4.41 7.17 -2.99
C8 JXQ C . -4.85 6.38 -1.01
C9A JXQ C . -5.89 8.58 -1.62
C9B JXQ C . -5.75 9.10 -0.20
C9C JXQ C . -4.29 9.50 0.06
C9D JXQ C . -4.09 10.06 1.47
C9E JXQ C . -4.90 11.26 1.67
C9F JXQ C . -5.55 12.22 1.82
N1 JXQ C . -2.89 6.25 -5.01
N3 JXQ C . -4.29 7.87 -4.13
N6 JXQ C . -2.32 4.35 -3.82
N7 JXQ C . -4.04 5.50 -1.62
N9 JXQ C . -5.04 7.40 -1.85
#